data_3Q98
#
_entry.id   3Q98
#
_cell.length_a   78.250
_cell.length_b   78.250
_cell.length_c   100.200
_cell.angle_alpha   90.000
_cell.angle_beta   90.000
_cell.angle_gamma   120.000
#
_symmetry.space_group_name_H-M   'P 63'
#
loop_
_entity.id
_entity.type
_entity.pdbx_description
1 polymer transcarbamylase
2 water water
#
_entity_poly.entity_id   1
_entity_poly.type   'polypeptide(L)'
_entity_poly.pdbx_seq_one_letter_code
;GSH(MSE)(MSE)KTVNELIKDINSLTSHLHEKDFLLTWEQTPDELKQVLDVAAALKALRAENISTKVFNSGLGISVFRD
NSTRTRFSYASALNLLGLAQQDLDEGKSQIAHGETVRETAN(MSE)ISFCADAIGIRDD(MSE)YLGAGNAY(MSE)REV
GAALDDGYKQGVLPQRPALVNLQCDIDHPTQS(MSE)ADLAWLREHFGSLENLKGKKIA(MSE)TWAYSPSYGKPLSVPQ
GIIGL(MSE)TRFG(MSE)DVTLAHPEGYDLIPDVVEVAKNNAKASGGSFRQVTS(MSE)EEAFKDADIVYPKSWAPYKV
(MSE)EERTELLRANDHEGLKALEKQCLAQNAQHKDWHCTEE(MSE)(MSE)ELTRDGEALY(MSE)HCLPADISGVSCK
EGEVTEGVFEKYRIATYKEASWKPYIIAA(MSE)ILSRKYAKPGALLEQLLKEAQERVK
;
_entity_poly.pdbx_strand_id   A
#
# COMPACT_ATOMS: atom_id res chain seq x y z
N LYS A 6 5.04 15.65 -23.75
CA LYS A 6 3.63 15.56 -24.11
C LYS A 6 2.82 14.73 -23.10
N THR A 7 3.35 13.57 -22.75
CA THR A 7 2.73 12.69 -21.77
C THR A 7 2.47 13.42 -20.45
N VAL A 8 3.51 14.10 -19.96
CA VAL A 8 3.43 14.82 -18.71
C VAL A 8 2.49 16.02 -18.82
N ASN A 9 2.57 16.76 -19.93
CA ASN A 9 1.62 17.85 -20.16
C ASN A 9 0.16 17.39 -20.10
N GLU A 10 -0.13 16.22 -20.64
CA GLU A 10 -1.50 15.67 -20.57
C GLU A 10 -1.89 15.27 -19.15
N LEU A 11 -0.93 14.69 -18.42
CA LEU A 11 -1.14 14.30 -17.04
C LEU A 11 -1.47 15.52 -16.18
N ILE A 12 -0.75 16.63 -16.42
CA ILE A 12 -0.96 17.86 -15.68
C ILE A 12 -2.36 18.47 -15.95
N LYS A 13 -2.81 18.39 -17.20
CA LYS A 13 -4.14 18.85 -17.54
C LYS A 13 -5.18 17.96 -16.86
N ASP A 14 -4.92 16.68 -16.79
CA ASP A 14 -5.81 15.75 -16.08
C ASP A 14 -5.88 16.12 -14.60
N ILE A 15 -4.72 16.31 -13.97
CA ILE A 15 -4.63 16.64 -12.55
C ILE A 15 -5.31 17.95 -12.23
N ASN A 16 -5.05 18.97 -13.03
CA ASN A 16 -5.63 20.29 -12.80
C ASN A 16 -7.16 20.30 -12.91
N SER A 17 -7.72 19.30 -13.57
CA SER A 17 -9.17 19.24 -13.76
C SER A 17 -9.87 18.54 -12.61
N LEU A 18 -9.10 18.06 -11.63
CA LEU A 18 -9.66 17.26 -10.56
C LEU A 18 -10.01 18.10 -9.33
N THR A 19 -11.01 17.65 -8.60
CA THR A 19 -11.40 18.30 -7.37
C THR A 19 -10.85 17.48 -6.21
N SER A 20 -9.98 18.09 -5.41
CA SER A 20 -9.32 17.39 -4.33
C SER A 20 -9.20 18.24 -3.09
N HIS A 21 -9.24 17.60 -1.93
CA HIS A 21 -9.00 18.28 -0.67
C HIS A 21 -7.96 17.51 0.11
N LEU A 22 -7.08 16.79 -0.61
CA LEU A 22 -6.02 16.06 0.06
C LEU A 22 -5.07 17.01 0.75
N HIS A 23 -5.09 18.29 0.37
CA HIS A 23 -4.18 19.23 1.01
C HIS A 23 -4.66 19.62 2.42
N GLU A 24 -5.85 19.15 2.79
CA GLU A 24 -6.43 19.48 4.08
C GLU A 24 -6.62 18.25 4.95
N LYS A 25 -6.14 17.09 4.52
CA LYS A 25 -6.32 15.89 5.33
C LYS A 25 -5.19 14.90 5.15
N ASP A 26 -5.19 13.83 5.94
CA ASP A 26 -4.15 12.81 5.84
C ASP A 26 -4.70 11.60 5.09
N PHE A 27 -3.91 11.07 4.16
CA PHE A 27 -4.33 9.91 3.38
C PHE A 27 -4.06 8.64 4.17
N LEU A 28 -4.96 8.31 5.09
CA LEU A 28 -4.79 7.12 5.93
C LEU A 28 -5.42 5.87 5.28
N LEU A 29 -6.67 5.99 4.88
CA LEU A 29 -7.43 4.88 4.30
C LEU A 29 -7.87 5.25 2.90
N THR A 30 -7.70 4.37 1.92
CA THR A 30 -8.12 4.75 0.56
C THR A 30 -9.60 5.02 0.49
N TRP A 31 -10.38 4.32 1.32
CA TRP A 31 -11.83 4.50 1.23
C TRP A 31 -12.34 5.74 1.96
N GLU A 32 -11.43 6.53 2.51
CA GLU A 32 -11.83 7.84 3.03
C GLU A 32 -11.49 8.92 2.01
N GLN A 33 -11.03 8.52 0.83
CA GLN A 33 -10.72 9.47 -0.21
C GLN A 33 -11.74 9.34 -1.34
N THR A 34 -12.07 10.47 -1.97
CA THR A 34 -12.99 10.46 -3.12
C THR A 34 -12.30 9.90 -4.38
N PRO A 35 -13.07 9.59 -5.42
CA PRO A 35 -12.49 9.06 -6.66
C PRO A 35 -11.53 10.04 -7.34
N ASP A 36 -11.85 11.33 -7.34
CA ASP A 36 -10.92 12.33 -7.87
C ASP A 36 -9.62 12.38 -7.08
N GLU A 37 -9.71 12.21 -5.76
CA GLU A 37 -8.52 12.26 -4.92
C GLU A 37 -7.61 11.06 -5.16
N LEU A 38 -8.21 9.90 -5.37
CA LEU A 38 -7.43 8.71 -5.69
C LEU A 38 -6.76 8.93 -7.03
N LYS A 39 -7.53 9.44 -7.98
CA LYS A 39 -7.01 9.68 -9.32
C LYS A 39 -5.87 10.71 -9.30
N GLN A 40 -5.97 11.71 -8.43
CA GLN A 40 -4.88 12.69 -8.32
C GLN A 40 -3.55 12.03 -7.94
N VAL A 41 -3.59 11.16 -6.95
CA VAL A 41 -2.38 10.52 -6.48
C VAL A 41 -1.75 9.64 -7.55
N LEU A 42 -2.59 8.87 -8.22
CA LEU A 42 -2.19 8.05 -9.36
C LEU A 42 -1.57 8.86 -10.50
N ASP A 43 -2.22 9.95 -10.91
CA ASP A 43 -1.71 10.78 -12.01
C ASP A 43 -0.43 11.53 -11.63
N VAL A 44 -0.36 12.01 -10.40
CA VAL A 44 0.87 12.66 -9.92
C VAL A 44 2.02 11.65 -9.88
N ALA A 45 1.74 10.45 -9.39
CA ALA A 45 2.75 9.41 -9.34
C ALA A 45 3.22 9.11 -10.76
N ALA A 46 2.29 9.01 -11.71
CA ALA A 46 2.65 8.78 -13.11
C ALA A 46 3.52 9.90 -13.70
N ALA A 47 3.21 11.15 -13.40
CA ALA A 47 4.02 12.26 -13.87
C ALA A 47 5.42 12.22 -13.27
N LEU A 48 5.52 11.94 -11.97
CA LEU A 48 6.84 11.85 -11.36
C LEU A 48 7.65 10.71 -11.99
N LYS A 49 7.02 9.56 -12.21
CA LYS A 49 7.74 8.41 -12.78
C LYS A 49 8.27 8.77 -14.18
N ALA A 50 7.41 9.41 -14.99
CA ALA A 50 7.82 9.81 -16.35
C ALA A 50 8.91 10.88 -16.33
N LEU A 51 8.80 11.86 -15.44
CA LEU A 51 9.88 12.84 -15.33
C LEU A 51 11.21 12.16 -15.01
N ARG A 52 11.17 11.29 -14.02
CA ARG A 52 12.35 10.59 -13.54
C ARG A 52 12.96 9.75 -14.65
N ALA A 53 12.10 9.12 -15.45
CA ALA A 53 12.52 8.26 -16.55
C ALA A 53 13.33 9.00 -17.61
N GLU A 54 13.03 10.28 -17.81
CA GLU A 54 13.75 11.07 -18.81
C GLU A 54 14.78 12.02 -18.16
N ASN A 55 15.25 11.65 -16.97
CA ASN A 55 16.34 12.37 -16.31
C ASN A 55 15.99 13.80 -15.92
N ILE A 56 14.73 14.06 -15.62
CA ILE A 56 14.32 15.38 -15.13
C ILE A 56 14.15 15.32 -13.61
N SER A 57 14.83 16.23 -12.92
CA SER A 57 14.80 16.29 -11.47
C SER A 57 13.42 16.64 -10.96
N THR A 58 12.96 15.92 -9.94
CA THR A 58 11.71 16.25 -9.29
C THR A 58 11.95 16.74 -7.84
N LYS A 59 13.12 17.32 -7.63
CA LYS A 59 13.52 17.80 -6.32
C LYS A 59 12.68 19.03 -6.00
N VAL A 60 11.90 18.94 -4.93
CA VAL A 60 11.03 20.03 -4.51
C VAL A 60 11.53 20.71 -3.24
N PHE A 61 12.30 19.97 -2.44
CA PHE A 61 12.87 20.49 -1.18
C PHE A 61 14.38 20.64 -1.28
N ASN A 62 14.89 21.81 -0.90
CA ASN A 62 16.35 21.98 -0.84
C ASN A 62 16.96 21.49 0.47
N SER A 63 16.14 21.42 1.51
CA SER A 63 16.50 20.77 2.76
C SER A 63 15.19 20.36 3.38
N GLY A 64 15.24 19.59 4.47
CA GLY A 64 14.05 19.02 5.05
C GLY A 64 14.24 17.53 5.33
N LEU A 65 13.60 17.06 6.40
CA LEU A 65 13.65 15.66 6.83
C LEU A 65 12.35 14.91 6.53
N GLY A 66 12.47 13.61 6.28
CA GLY A 66 11.34 12.70 6.33
C GLY A 66 11.61 11.69 7.42
N ILE A 67 10.74 11.62 8.42
CA ILE A 67 10.97 10.74 9.56
C ILE A 67 10.30 9.39 9.34
N SER A 68 10.96 8.30 9.75
CA SER A 68 10.34 6.98 9.73
C SER A 68 10.05 6.50 11.14
N VAL A 69 8.80 6.15 11.40
CA VAL A 69 8.41 5.67 12.72
C VAL A 69 7.87 4.26 12.61
N PHE A 70 8.48 3.32 13.32
CA PHE A 70 8.04 1.93 13.24
C PHE A 70 7.42 1.41 14.53
N ARG A 71 6.14 1.11 14.51
CA ARG A 71 5.52 0.40 15.62
C ARG A 71 5.51 -1.11 15.37
N ASP A 72 6.66 -1.75 15.58
CA ASP A 72 6.80 -3.20 15.46
C ASP A 72 8.26 -3.63 15.54
N ARG A 78 10.51 -1.85 2.55
CA ARG A 78 11.57 -1.26 3.36
C ARG A 78 12.23 -0.06 2.67
N PHE A 79 12.37 -0.10 1.35
CA PHE A 79 13.08 0.96 0.64
C PHE A 79 12.20 2.04 0.01
N SER A 80 10.91 1.80 -0.10
CA SER A 80 10.03 2.71 -0.84
C SER A 80 9.94 4.11 -0.27
N TYR A 81 9.79 4.23 1.04
CA TYR A 81 9.62 5.54 1.67
C TYR A 81 10.91 6.36 1.51
N ALA A 82 12.04 5.74 1.82
CA ALA A 82 13.33 6.43 1.63
C ALA A 82 13.55 6.88 0.20
N SER A 83 13.16 6.04 -0.77
CA SER A 83 13.26 6.36 -2.18
C SER A 83 12.39 7.54 -2.52
N ALA A 84 11.16 7.55 -1.99
CA ALA A 84 10.25 8.66 -2.25
C ALA A 84 10.78 9.97 -1.67
N LEU A 85 11.28 9.91 -0.44
CA LEU A 85 11.82 11.12 0.18
C LEU A 85 12.94 11.66 -0.70
N ASN A 86 13.83 10.78 -1.10
CA ASN A 86 15.01 11.21 -1.82
C ASN A 86 14.68 11.80 -3.19
N LEU A 87 13.70 11.18 -3.86
CA LEU A 87 13.15 11.68 -5.10
C LEU A 87 12.72 13.16 -5.02
N LEU A 88 12.19 13.55 -3.87
CA LEU A 88 11.69 14.93 -3.69
C LEU A 88 12.75 15.85 -3.05
N GLY A 89 13.87 15.28 -2.61
CA GLY A 89 14.95 16.04 -1.99
C GLY A 89 15.01 16.03 -0.47
N LEU A 90 14.18 15.20 0.17
CA LEU A 90 14.18 15.10 1.63
C LEU A 90 15.14 14.00 2.08
N ALA A 91 15.72 14.19 3.26
CA ALA A 91 16.62 13.20 3.84
C ALA A 91 15.86 12.33 4.85
N GLN A 92 16.06 11.02 4.82
CA GLN A 92 15.35 10.15 5.75
C GLN A 92 16.08 10.08 7.09
N GLN A 93 15.31 9.99 8.15
CA GLN A 93 15.86 9.86 9.50
C GLN A 93 14.93 8.91 10.20
N ASP A 94 15.44 7.82 10.78
CA ASP A 94 14.52 6.91 11.45
C ASP A 94 14.41 7.19 12.95
N LEU A 95 13.29 6.75 13.53
CA LEU A 95 13.06 6.92 14.95
C LEU A 95 13.42 5.63 15.66
N ASP A 96 14.40 5.69 16.55
CA ASP A 96 14.85 4.53 17.30
C ASP A 96 14.41 4.67 18.76
N HIS A 104 4.43 3.62 23.60
CA HIS A 104 4.66 4.76 22.70
C HIS A 104 3.34 5.38 22.22
N GLY A 105 2.25 4.64 22.34
CA GLY A 105 0.94 5.18 22.03
C GLY A 105 0.59 6.31 22.99
N GLU A 106 0.93 6.13 24.26
CA GLU A 106 0.64 7.09 25.30
C GLU A 106 1.35 8.44 25.13
N THR A 107 2.45 8.43 24.39
CA THR A 107 3.30 9.60 24.30
C THR A 107 3.35 10.13 22.88
N VAL A 108 2.53 9.54 22.02
CA VAL A 108 2.54 9.84 20.60
C VAL A 108 2.49 11.33 20.27
N ARG A 109 1.70 12.08 21.02
CA ARG A 109 1.49 13.48 20.72
C ARG A 109 2.77 14.31 20.91
N GLU A 110 3.48 14.04 21.99
CA GLU A 110 4.71 14.77 22.28
C GLU A 110 5.81 14.39 21.30
N THR A 111 5.89 13.10 21.00
CA THR A 111 6.85 12.61 20.02
C THR A 111 6.62 13.19 18.62
N ALA A 112 5.36 13.32 18.22
CA ALA A 112 5.04 13.91 16.92
C ALA A 112 5.64 15.32 16.76
N ASN A 113 5.47 16.15 17.79
CA ASN A 113 6.03 17.50 17.71
C ASN A 113 7.56 17.49 17.76
N ILE A 115 9.76 15.41 16.79
CA ILE A 115 10.44 14.95 15.59
C ILE A 115 10.17 15.81 14.35
N SER A 116 9.32 16.83 14.48
CA SER A 116 8.78 17.50 13.29
C SER A 116 9.29 18.91 13.02
N PHE A 117 10.16 19.45 13.87
CA PHE A 117 10.64 20.82 13.68
C PHE A 117 11.21 21.08 12.29
N CYS A 118 11.92 20.10 11.75
CA CYS A 118 12.52 20.23 10.43
C CYS A 118 12.04 19.12 9.50
N ALA A 119 10.90 18.50 9.82
CA ALA A 119 10.36 17.43 8.98
C ALA A 119 9.28 17.92 8.03
N ASP A 120 9.36 17.52 6.78
CA ASP A 120 8.25 17.81 5.88
C ASP A 120 7.42 16.55 5.65
N ALA A 121 7.88 15.43 6.18
CA ALA A 121 7.10 14.19 6.09
C ALA A 121 7.39 13.27 7.24
N ILE A 122 6.36 12.54 7.67
CA ILE A 122 6.50 11.46 8.62
C ILE A 122 5.82 10.20 8.06
N GLY A 123 6.54 9.08 8.03
CA GLY A 123 6.00 7.81 7.56
C GLY A 123 5.88 6.83 8.71
N ILE A 124 4.70 6.25 8.89
CA ILE A 124 4.47 5.39 10.03
C ILE A 124 4.08 3.98 9.58
N ARG A 125 4.83 3.00 10.06
CA ARG A 125 4.44 1.60 9.83
C ARG A 125 3.98 1.03 11.15
N ASP A 126 2.74 0.56 11.21
CA ASP A 126 2.14 0.17 12.47
C ASP A 126 1.56 -1.24 12.40
N ASP A 127 2.03 -2.11 13.29
CA ASP A 127 1.70 -3.53 13.24
C ASP A 127 0.67 -3.92 14.29
N TYR A 129 -2.50 -4.50 16.63
CA TYR A 129 -3.93 -4.73 16.51
C TYR A 129 -4.56 -4.67 17.89
N LEU A 130 -5.47 -3.72 18.10
CA LEU A 130 -6.19 -3.61 19.36
C LEU A 130 -7.58 -3.00 19.23
N GLY A 131 -7.98 -2.69 18.00
CA GLY A 131 -9.27 -2.06 17.77
C GLY A 131 -9.28 -0.60 18.14
N ALA A 135 -6.20 4.74 15.24
CA ALA A 135 -6.13 5.67 16.36
C ALA A 135 -4.77 6.38 16.39
N TYR A 136 -3.70 5.61 16.36
CA TYR A 136 -2.35 6.15 16.52
C TYR A 136 -2.06 7.26 15.51
N ARG A 138 -4.08 8.98 13.66
CA ARG A 138 -4.98 10.09 13.79
C ARG A 138 -4.55 11.03 14.91
N GLU A 139 -3.97 10.46 15.97
CA GLU A 139 -3.43 11.27 17.06
C GLU A 139 -2.19 12.03 16.57
N VAL A 140 -1.35 11.35 15.82
CA VAL A 140 -0.20 12.02 15.22
C VAL A 140 -0.66 13.21 14.37
N GLY A 141 -1.66 13.01 13.53
CA GLY A 141 -2.13 14.07 12.66
C GLY A 141 -2.71 15.24 13.43
N ALA A 142 -3.50 14.96 14.45
CA ALA A 142 -4.04 16.02 15.29
C ALA A 142 -2.94 16.76 16.05
N ALA A 143 -1.88 16.03 16.42
CA ALA A 143 -0.77 16.66 17.14
C ALA A 143 0.02 17.57 16.22
N LEU A 144 0.22 17.14 14.97
CA LEU A 144 0.88 17.97 13.97
C LEU A 144 0.05 19.23 13.68
N ASP A 145 -1.25 19.07 13.54
CA ASP A 145 -2.14 20.21 13.36
C ASP A 145 -1.97 21.22 14.49
N ASP A 146 -1.91 20.73 15.72
CA ASP A 146 -1.76 21.59 16.89
C ASP A 146 -0.45 22.37 16.90
N GLY A 147 0.65 21.65 16.66
CA GLY A 147 1.96 22.27 16.64
C GLY A 147 2.08 23.31 15.54
N TYR A 148 1.46 23.05 14.39
CA TYR A 148 1.49 24.03 13.31
C TYR A 148 0.60 25.25 13.64
N LYS A 149 -0.61 24.98 14.13
CA LYS A 149 -1.55 26.08 14.41
C LYS A 149 -1.08 26.97 15.55
N GLN A 150 -0.33 26.42 16.49
CA GLN A 150 0.20 27.21 17.60
C GLN A 150 1.59 27.78 17.29
N GLY A 151 2.07 27.58 16.07
CA GLY A 151 3.34 28.15 15.65
C GLY A 151 4.59 27.43 16.14
N VAL A 152 4.43 26.22 16.67
CA VAL A 152 5.57 25.38 17.05
C VAL A 152 6.31 24.88 15.82
N LEU A 153 5.55 24.35 14.88
CA LEU A 153 6.08 23.80 13.64
C LEU A 153 5.89 24.81 12.51
N PRO A 154 6.98 25.12 11.78
CA PRO A 154 6.95 26.07 10.67
C PRO A 154 6.23 25.49 9.46
N GLN A 155 6.14 24.16 9.39
CA GLN A 155 5.35 23.46 8.38
C GLN A 155 4.57 22.35 9.05
N ARG A 156 3.43 21.98 8.46
CA ARG A 156 2.69 20.81 8.93
C ARG A 156 3.18 19.64 8.10
N PRO A 157 3.90 18.68 8.72
CA PRO A 157 4.44 17.56 7.92
C PRO A 157 3.34 16.74 7.26
N ALA A 158 3.62 16.21 6.07
CA ALA A 158 2.74 15.25 5.44
C ALA A 158 2.86 13.96 6.22
N LEU A 159 1.74 13.26 6.36
CA LEU A 159 1.71 12.02 7.10
C LEU A 159 1.47 10.86 6.13
N VAL A 160 2.39 9.90 6.12
CA VAL A 160 2.25 8.76 5.22
C VAL A 160 1.98 7.45 5.98
N ASN A 161 0.85 6.82 5.68
CA ASN A 161 0.56 5.53 6.27
C ASN A 161 1.34 4.45 5.53
N LEU A 162 2.40 3.94 6.17
CA LEU A 162 3.24 2.93 5.52
C LEU A 162 2.69 1.53 5.76
N GLN A 163 1.67 1.45 6.61
CA GLN A 163 0.87 0.25 6.83
C GLN A 163 0.24 0.31 8.21
N CYS A 164 -1.06 0.08 8.30
CA CYS A 164 -1.70 -0.01 9.61
C CYS A 164 -2.49 -1.31 9.73
N ASP A 165 -3.19 -1.50 10.84
CA ASP A 165 -3.94 -2.74 11.04
C ASP A 165 -5.09 -2.87 10.06
N ILE A 166 -5.53 -1.75 9.49
CA ILE A 166 -6.73 -1.70 8.66
C ILE A 166 -6.42 -1.68 7.16
N ASP A 167 -5.41 -0.90 6.75
CA ASP A 167 -5.19 -0.66 5.32
C ASP A 167 -3.71 -0.53 5.05
N HIS A 168 -3.33 -0.66 3.79
CA HIS A 168 -1.94 -0.49 3.39
C HIS A 168 -2.02 0.27 2.08
N PRO A 169 -2.40 1.57 2.15
CA PRO A 169 -2.79 2.38 0.98
C PRO A 169 -1.65 2.57 -0.02
N THR A 170 -0.45 2.59 0.54
CA THR A 170 0.76 2.76 -0.21
C THR A 170 0.98 1.54 -1.13
N GLN A 171 0.74 0.35 -0.59
CA GLN A 171 0.80 -0.88 -1.38
C GLN A 171 -0.39 -0.97 -2.35
N SER A 172 -1.60 -0.82 -1.81
CA SER A 172 -2.79 -0.91 -2.68
C SER A 172 -2.82 0.08 -3.87
N ALA A 174 -0.16 1.52 -5.32
CA ALA A 174 0.92 1.18 -6.23
C ALA A 174 0.46 -0.02 -7.07
N ASP A 175 -0.28 -0.93 -6.44
CA ASP A 175 -0.82 -2.07 -7.16
C ASP A 175 -1.84 -1.64 -8.21
N LEU A 176 -2.68 -0.67 -7.87
CA LEU A 176 -3.62 -0.10 -8.82
C LEU A 176 -2.93 0.70 -9.93
N ALA A 177 -1.89 1.45 -9.58
CA ALA A 177 -1.12 2.17 -10.62
C ALA A 177 -0.52 1.21 -11.64
N TRP A 178 -0.02 0.08 -11.15
CA TRP A 178 0.51 -0.98 -12.02
C TRP A 178 -0.59 -1.61 -12.88
N LEU A 179 -1.71 -1.96 -12.27
CA LEU A 179 -2.85 -2.47 -13.04
C LEU A 179 -3.22 -1.56 -14.19
N ARG A 180 -3.23 -0.26 -13.91
CA ARG A 180 -3.54 0.77 -14.88
C ARG A 180 -2.49 0.83 -15.99
N GLU A 181 -1.21 0.70 -15.64
CA GLU A 181 -0.16 0.63 -16.68
C GLU A 181 -0.30 -0.67 -17.49
N HIS A 182 -0.42 -1.79 -16.80
CA HIS A 182 -0.45 -3.08 -17.47
C HIS A 182 -1.62 -3.19 -18.42
N PHE A 183 -2.80 -2.81 -17.94
CA PHE A 183 -4.02 -2.97 -18.72
C PHE A 183 -4.36 -1.73 -19.56
N GLY A 184 -3.58 -0.66 -19.40
CA GLY A 184 -3.70 0.48 -20.28
C GLY A 184 -4.54 1.65 -19.80
N SER A 185 -5.55 1.39 -18.98
CA SER A 185 -6.34 2.47 -18.39
C SER A 185 -7.18 2.00 -17.20
N LEU A 186 -7.79 2.94 -16.49
CA LEU A 186 -8.68 2.60 -15.39
C LEU A 186 -9.98 2.02 -15.96
N GLU A 187 -10.46 2.59 -17.07
CA GLU A 187 -11.68 2.08 -17.72
C GLU A 187 -11.52 0.61 -18.11
N ASN A 188 -10.32 0.26 -18.54
CA ASN A 188 -10.03 -1.12 -18.95
C ASN A 188 -10.05 -2.12 -17.81
N LEU A 189 -10.17 -1.60 -16.58
CA LEU A 189 -10.22 -2.47 -15.41
C LEU A 189 -11.66 -2.91 -15.09
N LYS A 190 -12.66 -2.22 -15.62
CA LYS A 190 -14.04 -2.61 -15.39
C LYS A 190 -14.28 -3.99 -15.97
N GLY A 191 -14.95 -4.86 -15.21
CA GLY A 191 -15.21 -6.21 -15.68
C GLY A 191 -14.05 -7.21 -15.53
N LYS A 192 -12.88 -6.74 -15.10
CA LYS A 192 -11.73 -7.65 -14.90
C LYS A 192 -11.91 -8.38 -13.58
N LYS A 193 -11.63 -9.69 -13.57
CA LYS A 193 -11.76 -10.47 -12.34
C LYS A 193 -10.43 -10.57 -11.63
N ILE A 194 -10.42 -10.17 -10.37
CA ILE A 194 -9.21 -10.25 -9.56
C ILE A 194 -9.48 -11.15 -8.37
N ALA A 195 -8.61 -12.14 -8.18
CA ALA A 195 -8.73 -13.06 -7.06
C ALA A 195 -7.75 -12.65 -5.97
N THR A 197 -6.50 -13.91 -2.81
CA THR A 197 -6.60 -15.13 -2.02
C THR A 197 -5.55 -15.22 -0.92
N TRP A 198 -5.83 -16.06 0.06
CA TRP A 198 -4.83 -16.41 1.05
C TRP A 198 -3.79 -17.27 0.33
N ALA A 199 -2.61 -17.40 0.90
CA ALA A 199 -1.62 -18.36 0.43
C ALA A 199 -0.77 -18.78 1.63
N TYR A 200 -0.19 -19.97 1.59
CA TYR A 200 0.51 -20.49 2.75
C TYR A 200 1.86 -19.79 2.96
N SER A 201 2.14 -19.44 4.21
CA SER A 201 3.46 -18.93 4.57
C SER A 201 3.99 -19.62 5.82
N PRO A 202 5.31 -19.91 5.84
CA PRO A 202 5.97 -20.50 7.00
C PRO A 202 6.05 -19.49 8.13
N SER A 203 5.86 -18.22 7.80
CA SER A 203 5.96 -17.15 8.78
C SER A 203 4.58 -16.73 9.27
N TYR A 204 4.34 -16.94 10.56
CA TYR A 204 3.05 -16.60 11.15
C TYR A 204 3.00 -15.08 11.37
N GLY A 205 1.79 -14.55 11.50
CA GLY A 205 1.63 -13.18 11.94
C GLY A 205 1.76 -12.09 10.90
N LYS A 206 1.51 -12.42 9.64
CA LYS A 206 1.46 -11.36 8.64
C LYS A 206 0.14 -10.56 8.80
N PRO A 207 0.23 -9.23 8.70
CA PRO A 207 -0.92 -8.33 8.86
C PRO A 207 -2.00 -8.48 7.79
N LEU A 208 -3.23 -8.16 8.15
CA LEU A 208 -4.36 -8.28 7.25
C LEU A 208 -4.50 -7.04 6.38
N SER A 209 -3.58 -6.08 6.58
CA SER A 209 -3.61 -4.80 5.88
C SER A 209 -3.68 -4.93 4.36
N VAL A 210 -2.89 -5.83 3.78
CA VAL A 210 -2.85 -5.91 2.32
C VAL A 210 -4.16 -6.39 1.67
N PRO A 211 -4.66 -7.57 2.09
CA PRO A 211 -5.90 -8.05 1.47
C PRO A 211 -7.06 -7.08 1.73
N GLN A 212 -7.10 -6.48 2.92
CA GLN A 212 -8.12 -5.49 3.20
C GLN A 212 -7.96 -4.28 2.29
N GLY A 213 -6.71 -3.85 2.09
CA GLY A 213 -6.41 -2.72 1.23
C GLY A 213 -6.82 -3.00 -0.21
N ILE A 214 -6.50 -4.19 -0.67
CA ILE A 214 -6.87 -4.60 -2.03
C ILE A 214 -8.39 -4.62 -2.25
N ILE A 215 -9.14 -5.33 -1.41
CA ILE A 215 -10.57 -5.42 -1.63
C ILE A 215 -11.26 -4.07 -1.39
N GLY A 216 -10.69 -3.26 -0.51
CA GLY A 216 -11.23 -1.93 -0.23
C GLY A 216 -11.04 -0.97 -1.39
N LEU A 217 -9.98 -1.18 -2.18
CA LEU A 217 -9.68 -0.25 -3.27
C LEU A 217 -10.20 -0.73 -4.63
N THR A 219 -12.52 -2.64 -5.45
CA THR A 219 -13.96 -2.65 -5.62
C THR A 219 -14.51 -1.30 -6.07
N ARG A 220 -13.66 -0.28 -6.07
CA ARG A 220 -14.10 1.05 -6.46
C ARG A 220 -13.95 1.36 -7.95
N PHE A 221 -13.45 0.39 -8.70
CA PHE A 221 -13.20 0.59 -10.13
C PHE A 221 -13.94 -0.40 -11.02
N GLY A 222 -15.02 -0.94 -10.49
CA GLY A 222 -15.92 -1.79 -11.25
C GLY A 222 -15.33 -3.15 -11.54
N ASP A 224 -14.44 -7.15 -10.78
CA ASP A 224 -15.07 -8.32 -10.15
C ASP A 224 -14.09 -8.93 -9.17
N VAL A 225 -14.26 -8.58 -7.90
CA VAL A 225 -13.32 -8.94 -6.85
C VAL A 225 -13.78 -10.20 -6.13
N THR A 226 -12.95 -11.23 -6.14
CA THR A 226 -13.24 -12.44 -5.40
C THR A 226 -12.20 -12.60 -4.30
N LEU A 227 -12.67 -12.73 -3.06
CA LEU A 227 -11.80 -12.92 -1.90
C LEU A 227 -11.93 -14.37 -1.45
N ALA A 228 -10.80 -15.04 -1.24
CA ALA A 228 -10.82 -16.44 -0.83
C ALA A 228 -9.81 -16.69 0.30
N HIS A 229 -10.24 -17.47 1.30
CA HIS A 229 -9.32 -17.85 2.39
C HIS A 229 -9.88 -19.03 3.16
N PRO A 230 -9.00 -19.74 3.89
CA PRO A 230 -9.49 -20.89 4.68
C PRO A 230 -10.41 -20.37 5.78
N GLU A 231 -11.15 -21.25 6.42
CA GLU A 231 -12.02 -20.84 7.52
C GLU A 231 -11.17 -20.34 8.70
N GLY A 232 -11.57 -19.20 9.27
CA GLY A 232 -10.86 -18.66 10.41
C GLY A 232 -10.01 -17.44 10.08
N TYR A 233 -9.73 -17.25 8.79
CA TYR A 233 -8.86 -16.17 8.34
C TYR A 233 -9.65 -14.99 7.80
N ASP A 234 -10.86 -14.82 8.29
CA ASP A 234 -11.72 -13.70 7.89
C ASP A 234 -11.06 -12.37 8.10
N LEU A 235 -11.32 -11.44 7.19
CA LEU A 235 -10.83 -10.08 7.33
C LEU A 235 -11.76 -9.32 8.27
N ILE A 236 -11.31 -8.15 8.72
CA ILE A 236 -12.12 -7.30 9.58
C ILE A 236 -13.50 -7.02 8.95
N PRO A 237 -14.57 -7.30 9.69
CA PRO A 237 -15.92 -7.17 9.12
C PRO A 237 -16.19 -5.80 8.52
N ASP A 238 -15.70 -4.72 9.13
CA ASP A 238 -15.98 -3.38 8.62
C ASP A 238 -15.43 -3.17 7.21
N VAL A 239 -14.27 -3.76 6.91
CA VAL A 239 -13.65 -3.60 5.59
C VAL A 239 -14.41 -4.44 4.55
N VAL A 240 -14.84 -5.63 4.94
CA VAL A 240 -15.66 -6.45 4.05
C VAL A 240 -16.90 -5.69 3.60
N GLU A 241 -17.53 -4.98 4.54
CA GLU A 241 -18.74 -4.23 4.23
C GLU A 241 -18.46 -3.02 3.32
N VAL A 242 -17.31 -2.38 3.51
CA VAL A 242 -16.89 -1.31 2.62
C VAL A 242 -16.74 -1.84 1.19
N ALA A 243 -16.06 -2.98 1.07
CA ALA A 243 -15.87 -3.63 -0.22
C ALA A 243 -17.21 -3.89 -0.89
N LYS A 244 -18.14 -4.48 -0.15
CA LYS A 244 -19.44 -4.81 -0.73
C LYS A 244 -20.15 -3.54 -1.20
N ASN A 245 -20.15 -2.51 -0.36
CA ASN A 245 -20.77 -1.24 -0.73
C ASN A 245 -20.04 -0.49 -1.86
N ASN A 246 -18.72 -0.58 -1.90
CA ASN A 246 -17.95 -0.01 -3.02
C ASN A 246 -18.37 -0.62 -4.36
N ALA A 247 -18.46 -1.95 -4.39
CA ALA A 247 -18.78 -2.68 -5.60
C ALA A 247 -20.14 -2.28 -6.18
N LYS A 248 -21.13 -2.20 -5.30
CA LYS A 248 -22.46 -1.71 -5.68
C LYS A 248 -22.43 -0.36 -6.42
N ALA A 249 -21.68 0.58 -5.89
CA ALA A 249 -21.68 1.94 -6.42
C ALA A 249 -20.79 2.11 -7.64
N SER A 250 -19.83 1.21 -7.83
CA SER A 250 -18.93 1.36 -8.97
C SER A 250 -19.29 0.45 -10.11
N GLY A 251 -20.35 -0.35 -9.95
CA GLY A 251 -20.74 -1.30 -10.97
C GLY A 251 -19.87 -2.55 -11.00
N GLY A 252 -19.14 -2.80 -9.92
CA GLY A 252 -18.36 -4.02 -9.85
C GLY A 252 -19.08 -5.10 -9.07
N SER A 253 -18.34 -6.10 -8.62
CA SER A 253 -18.91 -7.12 -7.75
C SER A 253 -17.91 -7.52 -6.68
N PHE A 254 -18.43 -8.06 -5.58
CA PHE A 254 -17.55 -8.60 -4.54
C PHE A 254 -18.10 -9.93 -4.06
N ARG A 255 -17.24 -10.94 -4.02
CA ARG A 255 -17.68 -12.29 -3.69
C ARG A 255 -16.68 -12.91 -2.73
N GLN A 256 -17.18 -13.66 -1.75
CA GLN A 256 -16.30 -14.42 -0.87
C GLN A 256 -16.43 -15.93 -1.10
N VAL A 257 -15.30 -16.61 -1.24
CA VAL A 257 -15.32 -18.04 -1.53
C VAL A 257 -14.41 -18.82 -0.57
N THR A 258 -14.53 -20.14 -0.58
CA THR A 258 -13.85 -20.98 0.40
C THR A 258 -12.65 -21.74 -0.16
N SER A 259 -12.42 -21.60 -1.46
CA SER A 259 -11.31 -22.31 -2.07
C SER A 259 -10.52 -21.43 -3.03
N GLU A 261 -8.95 -22.47 -5.87
CA GLU A 261 -9.35 -22.79 -7.24
C GLU A 261 -10.57 -22.01 -7.67
N GLU A 262 -11.56 -21.95 -6.79
CA GLU A 262 -12.79 -21.21 -7.06
C GLU A 262 -12.47 -19.79 -7.50
N ALA A 263 -11.66 -19.12 -6.70
CA ALA A 263 -11.26 -17.75 -6.97
C ALA A 263 -10.42 -17.64 -8.23
N PHE A 264 -9.50 -18.59 -8.45
CA PHE A 264 -8.55 -18.52 -9.57
C PHE A 264 -9.23 -18.73 -10.93
N LYS A 265 -10.31 -19.51 -10.95
CA LYS A 265 -10.98 -19.86 -12.21
C LYS A 265 -11.40 -18.63 -13.01
N ASP A 266 -10.99 -18.57 -14.28
CA ASP A 266 -11.35 -17.44 -15.14
C ASP A 266 -10.83 -16.09 -14.65
N ALA A 267 -9.95 -16.07 -13.65
CA ALA A 267 -9.41 -14.80 -13.17
C ALA A 267 -8.51 -14.15 -14.22
N ASP A 268 -8.58 -12.82 -14.28
CA ASP A 268 -7.63 -12.01 -15.05
C ASP A 268 -6.39 -11.68 -14.24
N ILE A 269 -6.57 -11.63 -12.93
CA ILE A 269 -5.51 -11.22 -12.02
C ILE A 269 -5.60 -12.08 -10.77
N VAL A 270 -4.47 -12.62 -10.34
CA VAL A 270 -4.43 -13.29 -9.05
C VAL A 270 -3.42 -12.61 -8.11
N TYR A 271 -3.76 -12.59 -6.83
CA TYR A 271 -2.96 -11.89 -5.82
C TYR A 271 -3.02 -12.80 -4.63
N PRO A 272 -2.11 -13.79 -4.56
CA PRO A 272 -2.23 -14.84 -3.57
C PRO A 272 -1.20 -14.60 -2.47
N LYS A 273 -1.66 -14.18 -1.30
CA LYS A 273 -0.72 -13.76 -0.27
C LYS A 273 -1.19 -14.13 1.12
N SER A 274 -0.26 -14.55 1.98
CA SER A 274 -0.64 -15.00 3.32
C SER A 274 -0.98 -13.86 4.25
N TRP A 275 -1.83 -14.14 5.24
CA TRP A 275 -2.03 -13.25 6.36
C TRP A 275 -2.48 -14.07 7.58
N ALA A 276 -2.41 -13.48 8.76
CA ALA A 276 -2.84 -14.18 9.97
C ALA A 276 -4.26 -13.75 10.33
N PRO A 277 -5.02 -14.62 11.02
CA PRO A 277 -6.36 -14.24 11.49
C PRO A 277 -6.25 -13.04 12.40
N TYR A 278 -7.25 -12.16 12.45
CA TYR A 278 -7.06 -10.93 13.22
C TYR A 278 -7.10 -11.17 14.72
N LYS A 279 -7.66 -12.32 15.12
CA LYS A 279 -7.67 -12.69 16.52
C LYS A 279 -6.28 -13.09 16.96
N VAL A 280 -5.52 -13.67 16.03
CA VAL A 280 -4.11 -13.97 16.29
C VAL A 280 -3.32 -12.68 16.47
N GLU A 282 -4.22 -9.86 17.42
CA GLU A 282 -4.63 -9.20 18.66
C GLU A 282 -3.81 -9.72 19.83
N GLU A 283 -3.72 -11.05 19.92
CA GLU A 283 -3.05 -11.69 21.04
C GLU A 283 -1.54 -11.57 20.91
N ARG A 284 -1.05 -11.56 19.67
CA ARG A 284 0.37 -11.31 19.44
C ARG A 284 0.72 -9.92 19.97
N THR A 285 -0.15 -8.95 19.67
CA THR A 285 0.04 -7.58 20.11
C THR A 285 0.05 -7.44 21.63
N GLU A 286 -0.86 -8.17 22.29
CA GLU A 286 -1.02 -8.07 23.74
C GLU A 286 0.24 -8.51 24.50
N LEU A 287 0.77 -9.67 24.14
CA LEU A 287 1.98 -10.15 24.81
C LEU A 287 3.26 -9.52 24.26
N LEU A 288 3.16 -8.90 23.08
CA LEU A 288 4.26 -8.11 22.55
C LEU A 288 4.43 -6.90 23.44
N ARG A 289 3.30 -6.35 23.90
CA ARG A 289 3.30 -5.22 24.80
C ARG A 289 3.75 -5.60 26.21
N ALA A 290 3.63 -6.89 26.54
CA ALA A 290 3.91 -7.36 27.90
C ALA A 290 5.22 -8.13 28.02
N ASN A 291 6.03 -8.10 26.96
CA ASN A 291 7.32 -8.78 26.96
C ASN A 291 7.22 -10.28 27.24
N ASP A 292 6.04 -10.85 27.02
CA ASP A 292 5.83 -12.27 27.28
C ASP A 292 6.45 -13.12 26.18
N HIS A 293 7.78 -13.25 26.23
CA HIS A 293 8.51 -13.99 25.21
C HIS A 293 8.06 -15.45 25.12
N GLU A 294 7.78 -16.05 26.27
CA GLU A 294 7.36 -17.44 26.34
C GLU A 294 5.96 -17.61 25.75
N GLY A 295 5.08 -16.64 26.02
CA GLY A 295 3.75 -16.65 25.47
C GLY A 295 3.83 -16.54 23.96
N LEU A 296 4.81 -15.76 23.48
CA LEU A 296 5.02 -15.60 22.05
C LEU A 296 5.36 -16.92 21.39
N LYS A 297 6.49 -17.52 21.79
CA LYS A 297 6.92 -18.78 21.20
C LYS A 297 5.82 -19.83 21.29
N ALA A 298 4.95 -19.69 22.29
CA ALA A 298 3.81 -20.58 22.43
C ALA A 298 2.76 -20.25 21.37
N LEU A 299 2.49 -18.97 21.18
CA LEU A 299 1.57 -18.52 20.16
C LEU A 299 2.08 -18.86 18.76
N GLU A 300 3.33 -18.52 18.50
CA GLU A 300 3.95 -18.84 17.21
C GLU A 300 3.83 -20.33 16.90
N LYS A 301 4.16 -21.16 17.88
CA LYS A 301 4.14 -22.60 17.71
C LYS A 301 2.77 -23.11 17.28
N GLN A 302 1.72 -22.50 17.81
CA GLN A 302 0.36 -22.92 17.51
C GLN A 302 -0.06 -22.50 16.11
N CYS A 303 0.15 -21.23 15.79
CA CYS A 303 -0.20 -20.66 14.50
C CYS A 303 0.46 -21.43 13.35
N LEU A 304 1.74 -21.76 13.51
CA LEU A 304 2.46 -22.55 12.53
C LEU A 304 1.74 -23.86 12.27
N ALA A 305 1.10 -24.39 13.31
CA ALA A 305 0.34 -25.64 13.17
C ALA A 305 -1.04 -25.42 12.54
N GLN A 306 -1.66 -24.28 12.85
CA GLN A 306 -2.93 -23.93 12.20
C GLN A 306 -2.72 -23.69 10.71
N ASN A 307 -1.65 -22.97 10.35
CA ASN A 307 -1.36 -22.66 8.95
C ASN A 307 -0.98 -23.88 8.11
N ALA A 308 -0.23 -24.81 8.71
CA ALA A 308 0.28 -25.98 8.01
C ALA A 308 -0.79 -26.89 7.40
N GLN A 309 -2.03 -26.82 7.89
CA GLN A 309 -3.09 -27.63 7.31
C GLN A 309 -3.64 -27.04 6.02
N HIS A 310 -3.19 -25.83 5.69
CA HIS A 310 -3.60 -25.16 4.46
C HIS A 310 -2.41 -24.93 3.52
N LYS A 311 -1.37 -25.75 3.64
CA LYS A 311 -0.19 -25.64 2.78
C LYS A 311 -0.57 -25.71 1.32
N ASP A 312 -1.76 -26.26 1.07
CA ASP A 312 -2.27 -26.47 -0.27
C ASP A 312 -2.68 -25.18 -0.96
N TRP A 313 -2.79 -24.09 -0.18
CA TRP A 313 -3.03 -22.78 -0.75
C TRP A 313 -1.70 -22.26 -1.26
N HIS A 314 -1.35 -22.72 -2.46
CA HIS A 314 -0.02 -22.62 -3.03
C HIS A 314 -0.22 -22.23 -4.48
N CYS A 315 0.35 -21.11 -4.90
CA CYS A 315 0.19 -20.68 -6.29
C CYS A 315 1.16 -21.45 -7.18
N THR A 316 0.64 -22.50 -7.81
CA THR A 316 1.43 -23.39 -8.61
C THR A 316 1.08 -23.21 -10.07
N GLU A 317 1.88 -23.84 -10.94
CA GLU A 317 1.61 -23.86 -12.36
C GLU A 317 0.22 -24.45 -12.64
N GLU A 318 -0.13 -25.49 -11.89
CA GLU A 318 -1.46 -26.10 -11.99
C GLU A 318 -2.56 -25.08 -11.69
N GLU A 321 -3.10 -22.49 -14.46
CA GLU A 321 -3.74 -23.06 -15.64
C GLU A 321 -5.25 -22.83 -15.64
N LEU A 322 -5.82 -22.66 -14.46
CA LEU A 322 -7.27 -22.47 -14.29
C LEU A 322 -7.71 -21.04 -14.56
N THR A 323 -6.76 -20.09 -14.53
CA THR A 323 -7.08 -18.68 -14.74
C THR A 323 -7.38 -18.41 -16.21
N ARG A 324 -7.77 -17.17 -16.54
CA ARG A 324 -8.16 -16.86 -17.92
C ARG A 324 -7.01 -17.13 -18.89
N ASP A 325 -7.27 -17.95 -19.90
CA ASP A 325 -6.24 -18.36 -20.86
C ASP A 325 -5.08 -19.08 -20.20
N GLY A 326 -5.22 -19.37 -18.91
CA GLY A 326 -4.10 -19.88 -18.11
C GLY A 326 -2.98 -18.85 -17.99
N GLU A 327 -3.32 -17.58 -18.16
CA GLU A 327 -2.32 -16.52 -18.23
C GLU A 327 -2.69 -15.25 -17.43
N ALA A 328 -3.35 -15.42 -16.30
CA ALA A 328 -3.65 -14.26 -15.44
C ALA A 328 -2.38 -13.55 -15.06
N LEU A 329 -2.51 -12.24 -14.79
CA LEU A 329 -1.41 -11.47 -14.24
C LEU A 329 -1.27 -11.88 -12.77
N TYR A 330 -0.08 -12.32 -12.40
CA TYR A 330 0.22 -12.70 -11.04
C TYR A 330 0.73 -11.47 -10.29
N HIS A 332 2.02 -9.82 -6.34
CA HIS A 332 2.44 -10.05 -4.96
C HIS A 332 3.46 -8.97 -4.62
N CYS A 333 3.46 -8.48 -3.38
CA CYS A 333 4.22 -7.28 -2.97
C CYS A 333 5.75 -7.29 -2.82
N LEU A 334 6.41 -8.44 -2.79
CA LEU A 334 7.88 -8.47 -2.58
C LEU A 334 8.33 -8.12 -1.16
N PRO A 335 8.97 -9.08 -0.46
CA PRO A 335 9.34 -10.39 -1.00
C PRO A 335 8.20 -11.40 -0.91
N ALA A 336 8.22 -12.40 -1.79
CA ALA A 336 7.30 -13.51 -1.69
C ALA A 336 8.02 -14.67 -1.03
N ASP A 337 7.25 -15.56 -0.39
CA ASP A 337 7.81 -16.82 0.08
C ASP A 337 7.77 -17.80 -1.07
N ILE A 338 8.93 -18.02 -1.68
CA ILE A 338 9.05 -18.90 -2.83
C ILE A 338 9.48 -20.28 -2.39
N SER A 339 8.61 -21.27 -2.65
CA SER A 339 8.89 -22.66 -2.32
C SER A 339 10.22 -23.14 -2.88
N GLY A 340 11.01 -23.81 -2.03
CA GLY A 340 12.28 -24.37 -2.44
C GLY A 340 13.37 -23.32 -2.67
N VAL A 341 13.03 -22.05 -2.49
CA VAL A 341 14.02 -20.99 -2.63
C VAL A 341 14.19 -20.25 -1.32
N SER A 342 13.14 -19.51 -0.93
CA SER A 342 13.10 -18.74 0.31
C SER A 342 12.85 -19.66 1.50
N CYS A 343 12.23 -20.79 1.21
CA CYS A 343 11.69 -21.65 2.25
C CYS A 343 11.40 -23.01 1.63
N LYS A 344 11.01 -23.98 2.45
CA LYS A 344 10.66 -25.30 1.95
C LYS A 344 9.32 -25.22 1.21
N GLU A 345 8.30 -24.67 1.89
CA GLU A 345 6.96 -24.51 1.31
C GLU A 345 6.50 -23.08 1.56
N GLY A 346 6.02 -22.42 0.52
CA GLY A 346 5.62 -21.02 0.61
C GLY A 346 4.37 -20.69 -0.18
N GLU A 347 4.28 -19.44 -0.65
CA GLU A 347 3.06 -18.92 -1.27
C GLU A 347 3.01 -19.17 -2.78
N VAL A 348 4.17 -19.39 -3.38
CA VAL A 348 4.28 -19.50 -4.85
C VAL A 348 5.50 -20.35 -5.25
N THR A 349 5.40 -21.12 -6.33
CA THR A 349 6.52 -21.98 -6.72
C THR A 349 7.57 -21.16 -7.45
N GLU A 350 8.80 -21.69 -7.47
CA GLU A 350 9.90 -21.09 -8.22
C GLU A 350 9.56 -20.81 -9.68
N GLY A 351 8.90 -21.75 -10.33
CA GLY A 351 8.54 -21.65 -11.74
C GLY A 351 7.55 -20.54 -12.07
N VAL A 352 6.50 -20.42 -11.26
CA VAL A 352 5.52 -19.36 -11.48
C VAL A 352 6.16 -17.99 -11.20
N PHE A 353 6.99 -17.93 -10.17
CA PHE A 353 7.63 -16.64 -9.88
C PHE A 353 8.59 -16.22 -11.00
N GLU A 354 9.37 -17.16 -11.52
CA GLU A 354 10.30 -16.85 -12.61
C GLU A 354 9.53 -16.26 -13.80
N LYS A 355 8.40 -16.88 -14.16
CA LYS A 355 7.57 -16.36 -15.25
C LYS A 355 7.04 -14.93 -15.04
N TYR A 356 6.64 -14.62 -13.81
CA TYR A 356 6.04 -13.30 -13.53
C TYR A 356 6.95 -12.33 -12.83
N ARG A 357 8.23 -12.68 -12.74
CA ARG A 357 9.17 -11.88 -11.94
C ARG A 357 9.18 -10.41 -12.37
N ILE A 358 9.20 -10.16 -13.67
CA ILE A 358 9.30 -8.78 -14.17
C ILE A 358 8.02 -8.02 -13.83
N ALA A 359 6.89 -8.71 -13.91
CA ALA A 359 5.61 -8.11 -13.51
C ALA A 359 5.63 -7.65 -12.05
N THR A 360 6.12 -8.51 -11.15
CA THR A 360 6.13 -8.17 -9.73
C THR A 360 7.14 -7.07 -9.44
N TYR A 361 8.22 -7.01 -10.22
CA TYR A 361 9.18 -5.92 -10.09
C TYR A 361 8.57 -4.60 -10.54
N LYS A 362 7.88 -4.60 -11.67
CA LYS A 362 7.26 -3.37 -12.15
C LYS A 362 6.20 -2.90 -11.17
N GLU A 363 5.48 -3.87 -10.63
CA GLU A 363 4.46 -3.58 -9.61
C GLU A 363 5.08 -2.86 -8.42
N ALA A 364 6.16 -3.41 -7.88
CA ALA A 364 6.88 -2.75 -6.79
C ALA A 364 7.48 -1.39 -7.18
N SER A 365 7.84 -1.21 -8.44
CA SER A 365 8.50 0.03 -8.88
C SER A 365 7.60 1.27 -8.73
N TRP A 366 6.28 1.05 -8.60
CA TRP A 366 5.38 2.19 -8.47
C TRP A 366 5.34 2.80 -7.08
N LYS A 367 5.76 2.05 -6.08
CA LYS A 367 5.55 2.47 -4.69
C LYS A 367 6.21 3.80 -4.33
N PRO A 368 7.47 4.00 -4.73
CA PRO A 368 8.15 5.28 -4.39
C PRO A 368 7.41 6.48 -4.99
N TYR A 369 6.89 6.31 -6.20
CA TYR A 369 6.16 7.37 -6.87
C TYR A 369 4.82 7.66 -6.23
N ILE A 370 4.16 6.60 -5.77
CA ILE A 370 2.89 6.74 -5.07
C ILE A 370 3.13 7.46 -3.74
N ILE A 371 4.16 7.05 -3.01
CA ILE A 371 4.44 7.70 -1.74
C ILE A 371 4.80 9.17 -1.94
N ALA A 372 5.62 9.45 -2.96
CA ALA A 372 6.00 10.83 -3.27
C ALA A 372 4.78 11.65 -3.68
N ALA A 373 3.85 11.03 -4.40
CA ALA A 373 2.65 11.74 -4.85
C ALA A 373 1.76 12.10 -3.65
N ILE A 375 2.85 12.71 -0.55
CA ILE A 375 3.52 13.84 0.08
C ILE A 375 3.24 15.16 -0.63
N LEU A 376 3.37 15.16 -1.96
CA LEU A 376 3.06 16.33 -2.75
C LEU A 376 1.58 16.74 -2.67
N SER A 377 0.69 15.75 -2.59
CA SER A 377 -0.74 16.01 -2.58
C SER A 377 -1.22 16.65 -1.28
N ARG A 378 -0.46 16.42 -0.22
CA ARG A 378 -0.72 17.10 1.04
C ARG A 378 -0.13 18.51 1.01
N LYS A 379 1.06 18.65 0.44
CA LYS A 379 1.77 19.93 0.50
C LYS A 379 1.28 21.00 -0.50
N TYR A 380 0.77 20.56 -1.63
CA TYR A 380 0.25 21.49 -2.63
C TYR A 380 -1.20 21.21 -2.98
N ALA A 381 -2.05 22.22 -2.82
CA ALA A 381 -3.43 22.13 -3.23
C ALA A 381 -3.53 21.78 -4.71
N LYS A 382 -2.60 22.31 -5.50
CA LYS A 382 -2.61 22.08 -6.94
C LYS A 382 -1.27 21.48 -7.38
N PRO A 383 -1.09 20.16 -7.20
CA PRO A 383 0.18 19.53 -7.56
C PRO A 383 0.48 19.66 -9.05
N GLY A 384 -0.53 19.96 -9.85
CA GLY A 384 -0.34 20.09 -11.28
C GLY A 384 0.51 21.30 -11.62
N ALA A 385 0.33 22.36 -10.85
CA ALA A 385 1.15 23.57 -10.98
C ALA A 385 2.62 23.23 -10.73
N LEU A 386 2.88 22.51 -9.63
CA LEU A 386 4.23 22.12 -9.27
C LEU A 386 4.91 21.27 -10.34
N LEU A 387 4.20 20.27 -10.87
CA LEU A 387 4.77 19.46 -11.94
C LEU A 387 5.09 20.28 -13.20
N GLU A 388 4.21 21.21 -13.57
CA GLU A 388 4.48 22.02 -14.75
C GLU A 388 5.76 22.83 -14.55
N GLN A 389 5.95 23.36 -13.34
CA GLN A 389 7.18 24.06 -13.00
C GLN A 389 8.41 23.14 -13.13
N LEU A 390 8.34 21.96 -12.54
CA LEU A 390 9.41 20.97 -12.67
C LEU A 390 9.73 20.66 -14.13
N LEU A 391 8.68 20.49 -14.93
CA LEU A 391 8.84 20.15 -16.34
C LEU A 391 9.48 21.26 -17.15
N LYS A 392 9.15 22.52 -16.82
CA LYS A 392 9.68 23.67 -17.54
C LYS A 392 11.15 23.92 -17.21
N GLU A 393 11.49 23.82 -15.93
CA GLU A 393 12.88 23.96 -15.50
C GLU A 393 13.74 22.86 -16.08
N ALA A 394 13.17 21.66 -16.18
CA ALA A 394 13.84 20.50 -16.74
C ALA A 394 15.30 20.38 -16.26
N GLN A 395 15.50 20.57 -14.97
CA GLN A 395 16.80 20.33 -14.35
C GLN A 395 17.16 18.85 -14.46
N GLU A 396 18.40 18.55 -14.84
CA GLU A 396 18.80 17.16 -14.99
C GLU A 396 18.94 16.51 -13.62
N ARG A 397 18.62 15.21 -13.53
CA ARG A 397 18.90 14.49 -12.30
C ARG A 397 20.36 14.08 -12.24
N VAL A 398 20.86 13.51 -13.34
CA VAL A 398 22.27 13.16 -13.40
C VAL A 398 22.98 13.98 -14.48
N LYS A 399 24.15 14.49 -14.13
CA LYS A 399 24.87 15.42 -14.97
C LYS A 399 25.40 14.74 -16.23
#